data_2O1Q
#
_entry.id   2O1Q
#
_cell.length_a   62.020
_cell.length_b   62.020
_cell.length_c   133.800
_cell.angle_alpha   90.000
_cell.angle_beta   90.000
_cell.angle_gamma   90.000
#
_symmetry.space_group_name_H-M   'P 41 21 2'
#
loop_
_entity.id
_entity.type
_entity.pdbx_description
1 polymer 'putative acetyl/propionyl-CoA carboxylase, alpha subunit'
2 non-polymer 'ZINC ION'
3 non-polymer 'CHLORIDE ION'
4 non-polymer 'ACETATE ION'
5 non-polymer 'TETRAETHYLENE GLYCOL'
6 water water
#
_entity_poly.entity_id   1
_entity_poly.type   'polypeptide(L)'
_entity_poly.pdbx_seq_one_letter_code
;G(MSE)LKSKIKEEYVQ(MSE)DQVDWKPFPAAFSTGGIRWKLLHVSPE(MSE)GSWTAIFDCPAGSSFAAHVHVGPGEY
FLTKGK(MSE)DVRGGKAAGGDTAIAPGYGYESANARHDKTEFPVASEFY(MSE)SFLGPLTFVKPDGSPIAVIGWEDAQ
GAWAA
;
_entity_poly.pdbx_strand_id   A,B
#
loop_
_chem_comp.id
_chem_comp.type
_chem_comp.name
_chem_comp.formula
ACT non-polymer 'ACETATE ION' 'C2 H3 O2 -1'
CL non-polymer 'CHLORIDE ION' 'Cl -1'
PG4 non-polymer 'TETRAETHYLENE GLYCOL' 'C8 H18 O5'
ZN non-polymer 'ZINC ION' 'Zn 2'
#
# COMPACT_ATOMS: atom_id res chain seq x y z
N MSE A 2 -14.00 -15.19 18.81
CA MSE A 2 -14.93 -15.51 17.69
C MSE A 2 -14.29 -16.42 16.63
O MSE A 2 -13.29 -16.03 15.99
CB MSE A 2 -15.50 -14.23 17.06
CG MSE A 2 -15.32 -14.10 15.51
SE MSE A 2 -16.87 -13.44 14.49
CE MSE A 2 -18.20 -14.64 15.21
N LEU A 3 -14.86 -17.59 16.41
CA LEU A 3 -14.43 -18.49 15.30
C LEU A 3 -14.65 -17.79 13.97
N LYS A 4 -13.61 -17.74 13.17
CA LYS A 4 -13.68 -17.21 11.83
C LYS A 4 -13.81 -18.29 10.79
N SER A 5 -14.68 -18.05 9.82
CA SER A 5 -14.86 -18.97 8.70
C SER A 5 -13.93 -18.71 7.56
N LYS A 6 -13.79 -19.71 6.67
CA LYS A 6 -12.99 -19.52 5.49
C LYS A 6 -13.70 -18.57 4.53
N ILE A 7 -12.89 -17.94 3.69
CA ILE A 7 -13.39 -17.02 2.66
C ILE A 7 -14.10 -17.81 1.56
N LYS A 8 -15.20 -17.24 1.11
N LYS A 8 -15.24 -17.32 1.12
CA LYS A 8 -15.97 -17.81 -0.02
CA LYS A 8 -15.95 -18.00 0.04
C LYS A 8 -15.17 -17.72 -1.33
C LYS A 8 -15.27 -17.73 -1.31
N GLU A 9 -15.26 -18.76 -2.14
CA GLU A 9 -14.76 -18.68 -3.50
C GLU A 9 -15.74 -17.87 -4.32
N GLU A 10 -15.19 -17.33 -5.40
CA GLU A 10 -15.90 -16.45 -6.31
C GLU A 10 -15.70 -16.87 -7.75
N TYR A 11 -16.69 -16.57 -8.57
CA TYR A 11 -16.65 -16.77 -10.02
C TYR A 11 -17.35 -15.62 -10.71
N VAL A 12 -16.73 -15.08 -11.75
CA VAL A 12 -17.29 -14.01 -12.54
C VAL A 12 -17.30 -14.43 -14.01
N GLN A 13 -18.48 -14.43 -14.61
CA GLN A 13 -18.59 -14.65 -16.04
C GLN A 13 -18.37 -13.31 -16.76
N MSE A 14 -17.17 -13.13 -17.24
CA MSE A 14 -16.68 -11.80 -17.58
C MSE A 14 -17.44 -11.19 -18.76
O MSE A 14 -17.66 -9.97 -18.74
CB MSE A 14 -15.16 -11.87 -17.88
CG MSE A 14 -14.33 -12.22 -16.62
SE MSE A 14 -12.60 -12.83 -17.03
CE MSE A 14 -12.22 -11.22 -17.92
N ASP A 15 -17.92 -11.99 -19.71
CA ASP A 15 -18.71 -11.47 -20.81
C ASP A 15 -20.16 -11.19 -20.44
N GLN A 16 -20.55 -11.37 -19.19
CA GLN A 16 -21.86 -10.96 -18.76
C GLN A 16 -21.73 -9.79 -17.82
N VAL A 17 -20.59 -9.12 -17.86
CA VAL A 17 -20.33 -7.95 -17.05
C VAL A 17 -20.00 -6.89 -18.09
N ASP A 18 -20.67 -5.74 -18.04
CA ASP A 18 -20.41 -4.64 -18.96
C ASP A 18 -19.12 -3.90 -18.60
N TRP A 19 -18.39 -3.49 -19.63
CA TRP A 19 -17.30 -2.54 -19.45
C TRP A 19 -17.87 -1.24 -18.89
N LYS A 20 -17.10 -0.58 -18.06
CA LYS A 20 -17.39 0.77 -17.55
C LYS A 20 -16.24 1.70 -17.94
N PRO A 21 -16.54 2.98 -18.17
CA PRO A 21 -15.43 3.89 -18.41
C PRO A 21 -14.51 3.99 -17.17
N PHE A 22 -13.20 3.96 -17.40
CA PHE A 22 -12.25 4.14 -16.35
C PHE A 22 -12.18 5.64 -16.06
N PRO A 23 -12.09 6.03 -14.79
CA PRO A 23 -12.08 7.45 -14.47
C PRO A 23 -11.13 8.30 -15.26
N ALA A 24 -11.68 9.39 -15.78
CA ALA A 24 -10.90 10.38 -16.52
C ALA A 24 -9.84 11.06 -15.67
N ALA A 25 -10.02 11.06 -14.37
CA ALA A 25 -9.04 11.69 -13.49
C ALA A 25 -7.71 10.96 -13.56
N PHE A 26 -7.73 9.68 -13.97
CA PHE A 26 -6.56 8.82 -13.88
C PHE A 26 -6.18 8.16 -15.20
N SER A 27 -6.75 8.63 -16.30
CA SER A 27 -6.46 8.06 -17.60
C SER A 27 -6.92 8.97 -18.68
N THR A 28 -6.43 8.75 -19.89
N THR A 28 -6.54 8.69 -19.91
CA THR A 28 -6.93 9.47 -21.06
CA THR A 28 -7.03 9.49 -21.02
C THR A 28 -7.12 8.47 -22.19
C THR A 28 -7.02 8.59 -22.24
N GLY A 29 -7.97 8.81 -23.14
CA GLY A 29 -8.03 8.11 -24.38
C GLY A 29 -9.07 7.07 -24.45
N GLY A 30 -9.92 6.99 -23.43
CA GLY A 30 -11.08 6.12 -23.55
C GLY A 30 -10.96 4.72 -22.96
N ILE A 31 -10.14 4.57 -21.93
CA ILE A 31 -9.93 3.30 -21.28
C ILE A 31 -11.24 2.90 -20.56
N ARG A 32 -11.54 1.60 -20.64
CA ARG A 32 -12.68 0.98 -19.96
C ARG A 32 -12.13 -0.16 -19.14
N TRP A 33 -12.94 -0.60 -18.19
CA TRP A 33 -12.48 -1.62 -17.22
C TRP A 33 -13.63 -2.48 -16.74
N LYS A 34 -13.29 -3.62 -16.12
CA LYS A 34 -14.19 -4.46 -15.30
C LYS A 34 -13.37 -4.77 -14.08
N LEU A 35 -13.88 -4.40 -12.92
CA LEU A 35 -13.34 -4.89 -11.67
C LEU A 35 -13.80 -6.31 -11.45
N LEU A 36 -12.84 -7.19 -11.15
CA LEU A 36 -13.11 -8.62 -11.06
C LEU A 36 -13.14 -9.10 -9.61
N HIS A 37 -12.33 -8.48 -8.77
CA HIS A 37 -12.21 -8.96 -7.38
C HIS A 37 -11.56 -7.91 -6.50
N VAL A 38 -11.99 -7.83 -5.27
CA VAL A 38 -11.25 -7.14 -4.22
C VAL A 38 -11.09 -8.07 -3.02
N SER A 39 -9.97 -7.97 -2.33
CA SER A 39 -9.62 -8.69 -1.12
C SER A 39 -9.49 -7.67 0.00
N PRO A 40 -10.53 -7.51 0.81
CA PRO A 40 -10.47 -6.49 1.87
C PRO A 40 -9.40 -6.68 2.92
N GLU A 41 -9.00 -7.94 3.13
CA GLU A 41 -8.03 -8.16 4.18
C GLU A 41 -6.62 -7.74 3.78
N MSE A 42 -6.12 -8.24 2.64
CA MSE A 42 -4.79 -7.96 2.20
C MSE A 42 -4.76 -6.63 1.52
O MSE A 42 -3.64 -6.09 1.36
CB MSE A 42 -4.35 -9.07 1.30
CG MSE A 42 -2.91 -9.02 0.93
SE MSE A 42 -2.23 -10.69 0.15
CE MSE A 42 -3.86 -11.78 0.50
N GLY A 43 -5.90 -6.16 0.99
CA GLY A 43 -5.88 -4.96 0.16
C GLY A 43 -5.50 -5.21 -1.30
N SER A 44 -5.69 -6.43 -1.79
CA SER A 44 -5.41 -6.70 -3.17
C SER A 44 -6.70 -6.59 -4.02
N TRP A 45 -6.54 -6.42 -5.34
CA TRP A 45 -7.66 -6.22 -6.22
C TRP A 45 -7.20 -6.58 -7.65
N THR A 46 -8.13 -6.93 -8.53
CA THR A 46 -7.85 -7.49 -9.82
C THR A 46 -8.91 -6.98 -10.77
N ALA A 47 -8.47 -6.59 -11.95
CA ALA A 47 -9.30 -5.94 -12.93
C ALA A 47 -8.79 -6.26 -14.30
N ILE A 48 -9.67 -6.07 -15.31
CA ILE A 48 -9.26 -6.16 -16.72
C ILE A 48 -9.63 -4.84 -17.39
N PHE A 49 -8.77 -4.45 -18.32
CA PHE A 49 -8.84 -3.16 -19.01
C PHE A 49 -8.85 -3.33 -20.50
N ASP A 50 -9.62 -2.44 -21.12
CA ASP A 50 -9.80 -2.35 -22.58
C ASP A 50 -9.32 -0.96 -22.92
N CYS A 51 -8.24 -0.87 -23.69
CA CYS A 51 -7.53 0.36 -23.84
C CYS A 51 -7.37 0.69 -25.29
N PRO A 52 -8.03 1.74 -25.74
CA PRO A 52 -7.94 2.16 -27.12
C PRO A 52 -6.51 2.54 -27.48
N ALA A 53 -6.18 2.39 -28.75
CA ALA A 53 -4.92 2.91 -29.25
C ALA A 53 -4.80 4.39 -28.90
N GLY A 54 -3.65 4.82 -28.40
CA GLY A 54 -3.47 6.22 -27.99
C GLY A 54 -3.77 6.51 -26.53
N SER A 55 -4.32 5.54 -25.85
CA SER A 55 -4.68 5.72 -24.45
C SER A 55 -3.52 5.56 -23.44
N SER A 56 -3.75 6.08 -22.25
CA SER A 56 -2.74 6.06 -21.23
C SER A 56 -3.30 6.19 -19.84
N PHE A 57 -2.53 5.79 -18.84
CA PHE A 57 -2.83 6.07 -17.45
C PHE A 57 -2.02 7.17 -16.86
N ALA A 58 -2.58 7.89 -15.90
CA ALA A 58 -1.88 8.97 -15.25
C ALA A 58 -0.70 8.43 -14.46
N ALA A 59 0.27 9.32 -14.20
CA ALA A 59 1.49 8.92 -13.46
C ALA A 59 1.18 8.35 -12.10
N HIS A 60 1.82 7.26 -11.76
CA HIS A 60 1.53 6.57 -10.54
C HIS A 60 2.66 5.67 -10.11
N VAL A 61 2.61 5.29 -8.84
CA VAL A 61 3.58 4.39 -8.18
C VAL A 61 2.82 3.21 -7.56
N HIS A 62 3.33 2.03 -7.81
CA HIS A 62 2.82 0.81 -7.17
C HIS A 62 3.44 0.67 -5.79
N VAL A 63 2.60 0.60 -4.77
CA VAL A 63 3.09 0.45 -3.38
C VAL A 63 3.34 -1.03 -3.07
N GLY A 64 2.77 -1.94 -3.86
CA GLY A 64 3.03 -3.35 -3.75
C GLY A 64 3.15 -3.92 -5.13
N PRO A 65 3.49 -5.19 -5.16
CA PRO A 65 3.62 -5.84 -6.42
C PRO A 65 2.32 -5.96 -7.21
N GLY A 66 2.47 -5.88 -8.52
CA GLY A 66 1.38 -6.10 -9.44
C GLY A 66 1.85 -6.98 -10.56
N GLU A 67 0.92 -7.74 -11.15
CA GLU A 67 1.26 -8.67 -12.23
C GLU A 67 0.20 -8.56 -13.31
N TYR A 68 0.61 -8.49 -14.56
CA TYR A 68 -0.30 -8.37 -15.65
C TYR A 68 -0.11 -9.42 -16.72
N PHE A 69 -1.21 -9.69 -17.42
CA PHE A 69 -1.30 -10.51 -18.59
C PHE A 69 -1.95 -9.67 -19.68
N LEU A 70 -1.13 -9.18 -20.59
CA LEU A 70 -1.58 -8.45 -21.78
C LEU A 70 -2.05 -9.45 -22.79
N THR A 71 -3.37 -9.53 -23.01
CA THR A 71 -3.92 -10.55 -23.87
C THR A 71 -4.05 -10.08 -25.29
N LYS A 72 -4.19 -8.77 -25.49
CA LYS A 72 -4.29 -8.19 -26.85
C LYS A 72 -3.50 -6.91 -26.89
N GLY A 73 -2.86 -6.64 -28.03
CA GLY A 73 -2.24 -5.36 -28.29
C GLY A 73 -0.83 -5.18 -27.83
N LYS A 74 -0.54 -3.95 -27.37
CA LYS A 74 0.81 -3.54 -27.10
C LYS A 74 0.77 -2.39 -26.12
N MSE A 75 1.61 -2.47 -25.10
CA MSE A 75 1.66 -1.59 -23.93
C MSE A 75 3.12 -1.20 -23.63
O MSE A 75 3.97 -2.06 -23.36
CB MSE A 75 0.98 -2.30 -22.74
CG MSE A 75 0.96 -1.45 -21.46
SE MSE A 75 0.16 -2.32 -19.97
CE MSE A 75 1.46 -3.67 -19.75
N ASP A 76 3.37 0.09 -23.62
CA ASP A 76 4.59 0.62 -23.12
C ASP A 76 4.53 0.94 -21.60
N VAL A 77 5.40 0.27 -20.85
N VAL A 77 5.39 0.26 -20.84
CA VAL A 77 5.54 0.42 -19.39
CA VAL A 77 5.54 0.40 -19.39
C VAL A 77 6.96 0.93 -19.08
C VAL A 77 6.96 0.90 -19.05
N ARG A 78 7.05 1.78 -18.07
CA ARG A 78 8.31 2.41 -17.67
C ARG A 78 9.06 3.02 -18.85
N GLY A 79 8.32 3.61 -19.81
CA GLY A 79 8.93 4.19 -21.00
C GLY A 79 8.99 3.34 -22.27
N GLY A 80 8.79 2.04 -22.16
CA GLY A 80 8.87 1.18 -23.31
C GLY A 80 10.27 0.67 -23.43
N LYS A 81 10.41 -0.39 -24.21
CA LYS A 81 11.69 -1.07 -24.36
C LYS A 81 12.79 -0.11 -24.80
N ALA A 82 12.51 0.73 -25.82
CA ALA A 82 13.49 1.68 -26.37
C ALA A 82 14.07 2.60 -25.31
N ALA A 83 13.23 3.00 -24.36
CA ALA A 83 13.64 3.90 -23.28
C ALA A 83 14.16 3.18 -22.01
N GLY A 84 14.25 1.86 -22.03
CA GLY A 84 14.80 1.11 -20.91
C GLY A 84 13.75 0.52 -19.99
N GLY A 85 12.48 0.74 -20.33
CA GLY A 85 11.40 -0.04 -19.73
C GLY A 85 11.08 -1.28 -20.56
N ASP A 86 9.80 -1.58 -20.68
CA ASP A 86 9.37 -2.72 -21.47
C ASP A 86 8.23 -2.35 -22.40
N THR A 87 8.20 -3.02 -23.54
CA THR A 87 7.09 -2.96 -24.46
C THR A 87 6.49 -4.34 -24.43
N ALA A 88 5.35 -4.45 -23.77
CA ALA A 88 4.63 -5.67 -23.71
C ALA A 88 3.91 -5.84 -25.02
N ILE A 89 3.93 -7.06 -25.56
CA ILE A 89 3.27 -7.33 -26.85
C ILE A 89 2.48 -8.61 -26.62
N ALA A 90 1.18 -8.60 -26.89
CA ALA A 90 0.32 -9.73 -26.54
C ALA A 90 0.82 -10.98 -27.31
N PRO A 91 0.88 -12.15 -26.63
CA PRO A 91 0.70 -12.44 -25.23
C PRO A 91 1.92 -12.08 -24.38
N GLY A 92 1.74 -11.16 -23.44
CA GLY A 92 2.84 -10.71 -22.58
C GLY A 92 2.48 -10.76 -21.12
N TYR A 93 3.47 -11.13 -20.28
CA TYR A 93 3.34 -11.15 -18.82
C TYR A 93 4.34 -10.14 -18.24
N GLY A 94 3.95 -9.40 -17.22
CA GLY A 94 4.85 -8.51 -16.52
C GLY A 94 4.69 -8.59 -15.03
N TYR A 95 5.79 -8.41 -14.33
CA TYR A 95 5.81 -8.28 -12.88
C TYR A 95 6.30 -6.89 -12.61
N GLU A 96 5.41 -6.07 -12.03
CA GLU A 96 5.73 -4.68 -11.69
C GLU A 96 5.90 -4.65 -10.17
N SER A 97 7.16 -4.54 -9.71
CA SER A 97 7.50 -4.72 -8.30
C SER A 97 7.02 -3.56 -7.44
N ALA A 98 6.92 -3.86 -6.16
CA ALA A 98 6.69 -2.78 -5.20
C ALA A 98 7.67 -1.62 -5.49
N ASN A 99 7.10 -0.42 -5.47
CA ASN A 99 7.80 0.84 -5.73
C ASN A 99 7.92 1.18 -7.20
N ALA A 100 7.48 0.31 -8.11
CA ALA A 100 7.57 0.65 -9.53
C ALA A 100 6.87 1.97 -9.85
N ARG A 101 7.56 2.83 -10.62
CA ARG A 101 7.01 4.13 -11.04
C ARG A 101 6.61 4.09 -12.48
N HIS A 102 5.33 4.37 -12.69
CA HIS A 102 4.68 4.25 -14.00
C HIS A 102 4.21 5.66 -14.41
N ASP A 103 5.14 6.48 -14.94
CA ASP A 103 4.82 7.88 -15.33
C ASP A 103 3.76 8.00 -16.40
N LYS A 104 3.78 7.12 -17.37
CA LYS A 104 2.80 7.13 -18.45
C LYS A 104 2.75 5.77 -19.12
N THR A 105 2.04 4.84 -18.50
CA THR A 105 1.76 3.59 -19.11
C THR A 105 0.81 3.90 -20.23
N GLU A 106 1.13 3.42 -21.41
CA GLU A 106 0.35 3.80 -22.60
C GLU A 106 0.23 2.64 -23.57
N PHE A 107 -0.69 2.81 -24.49
CA PHE A 107 -1.18 1.76 -25.39
C PHE A 107 -1.12 2.21 -26.83
N PRO A 108 0.02 1.97 -27.48
CA PRO A 108 0.19 2.29 -28.89
C PRO A 108 -0.81 1.62 -29.81
N VAL A 109 -1.28 0.44 -29.38
CA VAL A 109 -2.24 -0.37 -30.11
C VAL A 109 -3.44 -0.65 -29.18
N ALA A 110 -4.62 -0.82 -29.75
CA ALA A 110 -5.79 -1.18 -28.96
C ALA A 110 -5.42 -2.45 -28.22
N SER A 111 -5.61 -2.44 -26.88
CA SER A 111 -5.10 -3.48 -26.00
C SER A 111 -6.10 -3.97 -24.97
N GLU A 112 -5.84 -5.13 -24.43
CA GLU A 112 -6.61 -5.66 -23.32
C GLU A 112 -5.60 -6.27 -22.41
N PHE A 113 -5.69 -5.96 -21.12
CA PHE A 113 -4.82 -6.56 -20.10
C PHE A 113 -5.54 -6.73 -18.81
N TYR A 114 -5.18 -7.85 -18.18
CA TYR A 114 -5.64 -8.30 -16.88
C TYR A 114 -4.51 -8.01 -15.90
N MSE A 115 -4.83 -7.41 -14.76
CA MSE A 115 -3.85 -7.11 -13.76
C MSE A 115 -4.36 -7.29 -12.37
O MSE A 115 -5.51 -6.95 -12.04
CB MSE A 115 -3.31 -5.69 -13.95
CG MSE A 115 -2.13 -5.39 -13.11
SE MSE A 115 -1.10 -3.89 -13.87
CE MSE A 115 0.28 -4.06 -12.48
N SER A 116 -3.47 -7.81 -11.54
N SER A 116 -3.48 -7.81 -11.52
CA SER A 116 -3.70 -7.95 -10.13
CA SER A 116 -3.72 -7.97 -10.10
C SER A 116 -2.72 -6.98 -9.46
C SER A 116 -2.67 -7.14 -9.34
N PHE A 117 -3.20 -6.40 -8.37
CA PHE A 117 -2.48 -5.39 -7.57
C PHE A 117 -2.51 -5.74 -6.11
N LEU A 118 -1.35 -5.71 -5.48
CA LEU A 118 -1.29 -5.83 -4.03
C LEU A 118 -1.12 -4.42 -3.55
N GLY A 119 -2.17 -3.92 -2.96
CA GLY A 119 -2.21 -2.60 -2.39
C GLY A 119 -2.52 -1.53 -3.43
N PRO A 120 -2.53 -0.27 -2.97
CA PRO A 120 -2.95 0.81 -3.89
C PRO A 120 -1.94 1.33 -4.86
N LEU A 121 -2.43 2.15 -5.77
CA LEU A 121 -1.58 2.96 -6.62
C LEU A 121 -1.57 4.37 -6.03
N THR A 122 -0.38 4.96 -5.96
CA THR A 122 -0.22 6.36 -5.61
C THR A 122 -0.10 7.16 -6.92
N PHE A 123 -1.14 7.93 -7.22
CA PHE A 123 -1.07 8.82 -8.35
C PHE A 123 -0.32 10.06 -7.91
N VAL A 124 0.64 10.48 -8.75
CA VAL A 124 1.62 11.51 -8.38
C VAL A 124 1.65 12.67 -9.37
N LYS A 125 2.07 13.79 -8.82
CA LYS A 125 2.38 15.00 -9.58
C LYS A 125 3.78 14.83 -10.15
N PRO A 126 4.14 15.67 -11.15
CA PRO A 126 5.49 15.59 -11.71
C PRO A 126 6.62 15.57 -10.67
N ASP A 127 6.48 16.33 -9.59
CA ASP A 127 7.49 16.35 -8.53
C ASP A 127 7.41 15.14 -7.59
N GLY A 128 6.51 14.19 -7.87
CA GLY A 128 6.42 12.98 -7.06
C GLY A 128 5.50 13.04 -5.86
N SER A 129 4.95 14.22 -5.58
N SER A 129 4.96 14.22 -5.55
CA SER A 129 4.04 14.39 -4.46
CA SER A 129 4.08 14.36 -4.41
C SER A 129 2.75 13.63 -4.74
C SER A 129 2.76 13.66 -4.73
N PRO A 130 2.15 13.04 -3.70
CA PRO A 130 0.91 12.31 -3.91
C PRO A 130 -0.30 13.17 -4.22
N ILE A 131 -1.07 12.77 -5.25
CA ILE A 131 -2.40 13.30 -5.51
C ILE A 131 -3.50 12.47 -4.84
N ALA A 132 -3.42 11.14 -5.00
CA ALA A 132 -4.51 10.24 -4.60
C ALA A 132 -3.88 8.87 -4.38
N VAL A 133 -4.30 8.18 -3.34
CA VAL A 133 -3.92 6.82 -3.12
C VAL A 133 -5.13 5.94 -3.36
N ILE A 134 -5.08 5.15 -4.41
CA ILE A 134 -6.25 4.48 -4.95
C ILE A 134 -6.06 2.97 -4.86
N GLY A 135 -6.86 2.36 -3.99
CA GLY A 135 -6.77 0.93 -3.82
C GLY A 135 -8.07 0.21 -3.88
N TRP A 136 -8.13 -0.94 -3.21
CA TRP A 136 -9.28 -1.86 -3.37
C TRP A 136 -10.61 -1.25 -3.10
N GLU A 137 -10.66 -0.45 -2.05
CA GLU A 137 -11.87 0.19 -1.61
C GLU A 137 -12.32 1.26 -2.61
N ASP A 138 -11.36 2.04 -3.10
CA ASP A 138 -11.61 3.02 -4.13
C ASP A 138 -12.09 2.36 -5.40
N ALA A 139 -11.42 1.28 -5.78
CA ALA A 139 -11.82 0.52 -6.94
C ALA A 139 -13.22 -0.02 -6.83
N GLN A 140 -13.56 -0.59 -5.70
CA GLN A 140 -14.85 -1.19 -5.51
C GLN A 140 -15.90 -0.11 -5.59
N GLY A 141 -15.64 1.05 -5.00
CA GLY A 141 -16.64 2.11 -5.00
C GLY A 141 -16.82 2.68 -6.41
N ALA A 142 -15.73 2.88 -7.13
CA ALA A 142 -15.83 3.39 -8.51
C ALA A 142 -16.56 2.40 -9.42
N TRP A 143 -16.41 1.11 -9.17
CA TRP A 143 -17.04 0.07 -9.96
C TRP A 143 -18.51 -0.09 -9.67
N ALA A 144 -18.86 -0.06 -8.39
CA ALA A 144 -20.09 -0.65 -7.88
C ALA A 144 -20.99 0.34 -7.16
N ALA A 145 -20.45 1.50 -6.77
CA ALA A 145 -21.24 2.58 -6.15
C ALA A 145 -21.44 3.78 -7.08
N MSE B 2 21.05 -18.45 -12.28
CA MSE B 2 20.00 -18.10 -13.28
C MSE B 2 18.59 -18.35 -12.72
O MSE B 2 17.65 -17.68 -13.14
CB MSE B 2 20.23 -18.82 -14.62
CG MSE B 2 19.88 -20.32 -14.65
N LEU B 3 18.43 -19.31 -11.79
CA LEU B 3 17.14 -19.44 -11.06
C LEU B 3 17.19 -18.57 -9.81
N LYS B 4 16.06 -18.07 -9.37
CA LYS B 4 15.97 -17.27 -8.15
C LYS B 4 16.24 -18.09 -6.91
N SER B 5 16.93 -17.46 -5.97
N SER B 5 16.94 -17.46 -5.97
CA SER B 5 17.26 -18.05 -4.71
CA SER B 5 17.24 -18.03 -4.68
C SER B 5 16.20 -17.72 -3.65
C SER B 5 16.16 -17.74 -3.66
N LYS B 6 16.19 -18.53 -2.59
CA LYS B 6 15.41 -18.24 -1.41
C LYS B 6 15.97 -17.00 -0.76
N ILE B 7 15.11 -16.31 -0.04
CA ILE B 7 15.48 -15.14 0.70
C ILE B 7 16.25 -15.57 1.94
N LYS B 8 17.28 -14.81 2.28
CA LYS B 8 18.07 -15.11 3.47
C LYS B 8 17.30 -14.83 4.76
N GLU B 9 17.49 -15.68 5.76
CA GLU B 9 16.99 -15.44 7.09
C GLU B 9 17.79 -14.32 7.75
N GLU B 10 17.16 -13.65 8.69
CA GLU B 10 17.81 -12.58 9.44
C GLU B 10 17.64 -12.72 10.93
N TYR B 11 18.60 -12.15 11.65
CA TYR B 11 18.54 -12.08 13.07
C TYR B 11 19.06 -10.74 13.53
N VAL B 12 18.36 -10.11 14.46
CA VAL B 12 18.79 -8.86 15.10
C VAL B 12 18.88 -9.02 16.60
N GLN B 13 20.05 -8.77 17.16
CA GLN B 13 20.21 -8.72 18.62
C GLN B 13 19.75 -7.33 19.06
N MSE B 14 18.51 -7.23 19.54
CA MSE B 14 17.83 -5.92 19.68
C MSE B 14 18.46 -5.00 20.70
O MSE B 14 18.47 -3.79 20.56
CB MSE B 14 16.37 -6.13 20.01
CG MSE B 14 15.55 -6.75 18.83
SE MSE B 14 13.89 -7.45 19.33
CE MSE B 14 13.04 -5.73 19.71
N ASP B 15 19.05 -5.58 21.74
CA ASP B 15 19.68 -4.78 22.75
C ASP B 15 21.07 -4.27 22.32
N GLN B 16 21.55 -4.69 21.17
CA GLN B 16 22.80 -4.18 20.63
C GLN B 16 22.50 -3.19 19.50
N VAL B 17 21.26 -2.73 19.39
CA VAL B 17 20.84 -1.68 18.48
C VAL B 17 20.37 -0.53 19.36
N ASP B 18 20.94 0.65 19.15
CA ASP B 18 20.48 1.85 19.82
C ASP B 18 19.18 2.37 19.24
N TRP B 19 18.32 2.88 20.11
CA TRP B 19 17.18 3.68 19.70
C TRP B 19 17.63 4.85 18.86
N LYS B 20 16.93 5.15 17.79
CA LYS B 20 17.12 6.40 17.03
C LYS B 20 15.85 7.24 17.10
N PRO B 21 15.96 8.56 16.88
CA PRO B 21 14.73 9.35 16.83
C PRO B 21 13.88 9.02 15.59
N PHE B 22 12.55 8.84 15.79
CA PHE B 22 11.58 8.64 14.74
C PHE B 22 11.28 10.00 14.11
N PRO B 23 11.12 10.04 12.78
CA PRO B 23 10.92 11.33 12.13
C PRO B 23 9.87 12.24 12.76
N ALA B 24 10.31 13.46 13.06
CA ALA B 24 9.45 14.52 13.55
C ALA B 24 8.34 14.92 12.60
N ALA B 25 8.51 14.68 11.29
CA ALA B 25 7.53 15.09 10.32
C ALA B 25 6.23 14.35 10.57
N PHE B 26 6.30 13.19 11.20
CA PHE B 26 5.18 12.26 11.23
C PHE B 26 4.80 11.85 12.65
N SER B 27 5.31 12.59 13.62
CA SER B 27 5.08 12.23 15.00
C SER B 27 5.32 13.44 15.88
N THR B 28 4.85 13.36 17.11
CA THR B 28 5.13 14.35 18.13
C THR B 28 5.58 13.63 19.39
N GLY B 29 6.29 14.35 20.24
CA GLY B 29 6.61 13.81 21.57
C GLY B 29 7.94 13.12 21.77
N GLY B 30 8.73 13.03 20.71
CA GLY B 30 10.04 12.43 20.80
C GLY B 30 10.03 10.92 20.82
N ILE B 31 9.19 10.35 19.99
CA ILE B 31 9.21 8.91 19.78
C ILE B 31 10.57 8.48 19.22
N ARG B 32 11.08 7.38 19.76
CA ARG B 32 12.28 6.69 19.24
C ARG B 32 11.91 5.32 18.64
N TRP B 33 12.80 4.76 17.84
CA TRP B 33 12.48 3.47 17.20
C TRP B 33 13.75 2.68 16.89
N LYS B 34 13.52 1.41 16.62
CA LYS B 34 14.48 0.50 16.03
C LYS B 34 13.76 -0.19 14.91
N LEU B 35 14.25 0.07 13.71
CA LEU B 35 13.80 -0.67 12.55
C LEU B 35 14.43 -2.05 12.55
N LEU B 36 13.61 -3.07 12.44
CA LEU B 36 14.05 -4.47 12.56
C LEU B 36 14.11 -5.20 11.24
N HIS B 37 13.24 -4.87 10.31
CA HIS B 37 13.17 -5.63 9.07
C HIS B 37 12.44 -4.86 8.01
N VAL B 38 12.92 -4.94 6.78
CA VAL B 38 12.10 -4.58 5.65
C VAL B 38 12.03 -5.69 4.61
N SER B 39 10.88 -5.85 3.95
CA SER B 39 10.68 -6.84 2.89
C SER B 39 10.45 -6.10 1.59
N PRO B 40 11.46 -6.04 0.74
CA PRO B 40 11.31 -5.30 -0.51
C PRO B 40 10.23 -5.81 -1.45
N GLU B 41 9.97 -7.10 -1.45
CA GLU B 41 9.08 -7.67 -2.42
C GLU B 41 7.60 -7.36 -2.12
N MSE B 42 7.17 -7.68 -0.90
CA MSE B 42 5.81 -7.48 -0.49
C MSE B 42 5.58 -6.07 -0.02
O MSE B 42 4.44 -5.59 0.01
CB MSE B 42 5.50 -8.47 0.60
CG MSE B 42 4.03 -8.56 0.93
SE MSE B 42 3.61 -10.09 2.10
CE MSE B 42 4.22 -9.44 3.79
N GLY B 43 6.62 -5.38 0.38
CA GLY B 43 6.49 -4.08 1.05
C GLY B 43 6.12 -4.07 2.49
N SER B 44 6.42 -5.13 3.22
CA SER B 44 6.18 -5.12 4.62
C SER B 44 7.43 -4.63 5.34
N TRP B 45 7.25 -4.26 6.59
CA TRP B 45 8.31 -3.75 7.43
C TRP B 45 7.90 -3.89 8.88
N THR B 46 8.88 -3.98 9.76
CA THR B 46 8.66 -4.25 11.18
C THR B 46 9.64 -3.44 12.02
N ALA B 47 9.11 -2.86 13.10
CA ALA B 47 9.86 -1.98 13.95
C ALA B 47 9.36 -2.05 15.38
N ILE B 48 10.18 -1.58 16.32
CA ILE B 48 9.75 -1.40 17.70
C ILE B 48 9.89 0.09 18.03
N PHE B 49 8.97 0.60 18.85
CA PHE B 49 8.87 2.00 19.13
C PHE B 49 8.88 2.26 20.63
N ASP B 50 9.61 3.30 21.02
CA ASP B 50 9.69 3.83 22.39
C ASP B 50 8.97 5.20 22.40
N CYS B 51 7.82 5.24 23.06
CA CYS B 51 6.88 6.35 22.97
C CYS B 51 6.68 7.03 24.31
N PRO B 52 7.20 8.25 24.46
CA PRO B 52 6.97 8.98 25.71
C PRO B 52 5.54 9.31 25.97
N ALA B 53 5.19 9.55 27.24
CA ALA B 53 3.83 10.00 27.54
C ALA B 53 3.50 11.23 26.73
N GLY B 54 2.30 11.28 26.20
CA GLY B 54 1.89 12.40 25.37
C GLY B 54 2.27 12.35 23.92
N SER B 55 3.13 11.39 23.54
CA SER B 55 3.54 11.29 22.16
C SER B 55 2.41 10.75 21.28
N SER B 56 2.58 10.98 20.00
CA SER B 56 1.58 10.63 19.01
C SER B 56 2.16 10.49 17.64
N PHE B 57 1.45 9.77 16.78
CA PHE B 57 1.76 9.75 15.34
C PHE B 57 0.76 10.64 14.62
N ALA B 58 1.25 11.29 13.56
CA ALA B 58 0.43 12.10 12.65
C ALA B 58 -0.66 11.25 12.02
N ALA B 59 -1.77 11.91 11.65
CA ALA B 59 -2.92 11.22 11.02
C ALA B 59 -2.49 10.41 9.83
N HIS B 60 -2.94 9.18 9.80
CA HIS B 60 -2.60 8.27 8.75
C HIS B 60 -3.61 7.15 8.53
N VAL B 61 -3.46 6.53 7.37
CA VAL B 61 -4.27 5.40 6.93
C VAL B 61 -3.33 4.26 6.59
N HIS B 62 -3.67 3.08 7.11
CA HIS B 62 -2.96 1.84 6.75
C HIS B 62 -3.50 1.32 5.45
N VAL B 63 -2.66 1.17 4.44
CA VAL B 63 -3.12 0.61 3.16
C VAL B 63 -3.13 -0.92 3.18
N GLY B 64 -2.51 -1.54 4.20
CA GLY B 64 -2.64 -2.95 4.42
C GLY B 64 -2.67 -3.23 5.89
N PRO B 65 -2.84 -4.51 6.25
CA PRO B 65 -2.91 -4.91 7.63
C PRO B 65 -1.64 -4.66 8.40
N GLY B 66 -1.81 -4.29 9.65
CA GLY B 66 -0.76 -4.15 10.64
C GLY B 66 -1.10 -4.91 11.89
N GLU B 67 -0.08 -5.32 12.64
CA GLU B 67 -0.29 -6.08 13.87
C GLU B 67 0.70 -5.53 14.86
N TYR B 68 0.25 -5.22 16.07
CA TYR B 68 1.13 -4.68 17.12
C TYR B 68 1.07 -5.50 18.40
N PHE B 69 2.14 -5.47 19.16
CA PHE B 69 2.29 -6.07 20.46
C PHE B 69 2.79 -4.91 21.33
N LEU B 70 1.89 -4.43 22.17
CA LEU B 70 2.21 -3.36 23.12
C LEU B 70 2.80 -4.02 24.33
N THR B 71 4.08 -3.80 24.53
CA THR B 71 4.81 -4.47 25.57
C THR B 71 4.93 -3.66 26.84
N LYS B 72 4.71 -2.35 26.76
CA LYS B 72 4.75 -1.46 27.92
C LYS B 72 3.81 -0.29 27.67
N GLY B 73 3.10 0.08 28.73
CA GLY B 73 2.25 1.24 28.76
C GLY B 73 0.82 1.10 28.25
N LYS B 74 0.39 2.12 27.50
CA LYS B 74 -0.99 2.28 27.09
C LYS B 74 -1.09 3.14 25.84
N MSE B 75 -1.91 2.73 24.88
N MSE B 75 -1.89 2.70 24.88
CA MSE B 75 -2.00 3.41 23.59
CA MSE B 75 -2.03 3.40 23.60
C MSE B 75 -3.46 3.55 23.11
C MSE B 75 -3.51 3.58 23.30
O MSE B 75 -4.17 2.54 22.96
O MSE B 75 -4.30 2.65 23.48
CB MSE B 75 -1.16 2.64 22.56
CB MSE B 75 -1.36 2.56 22.51
CG MSE B 75 -1.03 3.30 21.19
CG MSE B 75 -1.69 2.95 21.07
SE MSE B 75 -0.08 2.13 19.94
SE MSE B 75 -0.59 1.90 19.87
CE MSE B 75 -1.61 0.97 19.60
CE MSE B 75 -1.19 0.16 20.54
N ASP B 76 -3.92 4.77 22.86
CA ASP B 76 -5.28 4.98 22.33
C ASP B 76 -5.24 4.93 20.82
N VAL B 77 -5.99 4.00 20.22
CA VAL B 77 -6.04 3.82 18.76
C VAL B 77 -7.46 4.03 18.27
N ARG B 78 -7.62 4.63 17.08
CA ARG B 78 -8.95 4.94 16.51
C ARG B 78 -9.84 5.66 17.52
N GLY B 79 -9.19 6.49 18.37
CA GLY B 79 -9.89 7.36 19.30
C GLY B 79 -9.99 6.85 20.73
N GLY B 80 -9.45 5.66 21.01
CA GLY B 80 -9.60 5.06 22.33
C GLY B 80 -10.92 4.31 22.42
N LYS B 81 -11.01 3.40 23.38
CA LYS B 81 -12.19 2.53 23.47
C LYS B 81 -13.46 3.31 23.75
N ALA B 82 -13.33 4.37 24.54
CA ALA B 82 -14.44 5.27 24.86
C ALA B 82 -15.09 5.85 23.61
N ALA B 83 -14.30 6.11 22.57
CA ALA B 83 -14.79 6.67 21.30
C ALA B 83 -15.22 5.62 20.25
N GLY B 84 -15.29 4.35 20.65
CA GLY B 84 -15.54 3.27 19.70
C GLY B 84 -14.27 2.71 19.10
N GLY B 85 -13.12 3.19 19.55
CA GLY B 85 -11.85 2.63 19.12
C GLY B 85 -11.39 1.57 20.11
N ASP B 86 -10.10 1.57 20.41
CA ASP B 86 -9.53 0.70 21.40
C ASP B 86 -8.48 1.45 22.21
N THR B 87 -8.29 1.00 23.45
CA THR B 87 -7.25 1.50 24.33
C THR B 87 -6.44 0.29 24.73
N ALA B 88 -5.25 0.19 24.17
CA ALA B 88 -4.42 -0.97 24.38
C ALA B 88 -3.69 -0.73 25.72
N ILE B 89 -3.60 -1.74 26.58
CA ILE B 89 -2.84 -1.70 27.83
C ILE B 89 -1.87 -2.89 27.81
N ALA B 90 -0.57 -2.68 28.07
CA ALA B 90 0.40 -3.78 28.00
C ALA B 90 0.08 -4.83 29.05
N PRO B 91 0.22 -6.11 28.72
CA PRO B 91 0.53 -6.63 27.39
C PRO B 91 -0.72 -6.70 26.51
N GLY B 92 -0.69 -6.02 25.36
CA GLY B 92 -1.82 -6.01 24.40
C GLY B 92 -1.41 -6.33 22.96
N TYR B 93 -2.29 -6.99 22.23
CA TYR B 93 -2.11 -7.28 20.85
C TYR B 93 -3.23 -6.62 20.09
N GLY B 94 -2.92 -6.07 18.93
CA GLY B 94 -3.91 -5.47 18.08
C GLY B 94 -3.70 -5.79 16.62
N TYR B 95 -4.81 -6.03 15.97
CA TYR B 95 -4.89 -6.17 14.53
C TYR B 95 -5.54 -4.95 13.92
N GLU B 96 -4.74 -4.21 13.15
CA GLU B 96 -5.24 -3.03 12.46
C GLU B 96 -5.41 -3.39 10.99
N SER B 97 -6.65 -3.46 10.57
CA SER B 97 -7.01 -3.98 9.29
C SER B 97 -6.65 -3.00 8.14
N ALA B 98 -6.49 -3.54 6.94
CA ALA B 98 -6.32 -2.68 5.78
C ALA B 98 -7.38 -1.56 5.79
N ASN B 99 -6.90 -0.34 5.50
CA ASN B 99 -7.71 0.85 5.41
C ASN B 99 -8.11 1.48 6.76
N ALA B 100 -7.54 0.97 7.84
CA ALA B 100 -7.73 1.55 9.14
C ALA B 100 -7.24 2.99 9.16
N ARG B 101 -8.08 3.88 9.67
CA ARG B 101 -7.78 5.31 9.76
C ARG B 101 -7.41 5.62 11.21
N HIS B 102 -6.22 6.12 11.40
CA HIS B 102 -5.62 6.41 12.72
C HIS B 102 -5.36 7.93 12.71
N ASP B 103 -6.35 8.73 13.08
CA ASP B 103 -6.14 10.19 13.04
C ASP B 103 -5.16 10.67 14.10
N LYS B 104 -5.16 10.04 15.26
CA LYS B 104 -4.19 10.38 16.28
C LYS B 104 -4.00 9.24 17.24
N THR B 105 -3.14 8.33 16.85
CA THR B 105 -2.72 7.28 17.75
C THR B 105 -1.80 7.94 18.71
N GLU B 106 -2.11 7.83 20.00
CA GLU B 106 -1.35 8.54 21.04
C GLU B 106 -1.19 7.73 22.31
N PHE B 107 -0.30 8.22 23.17
CA PHE B 107 0.19 7.46 24.32
C PHE B 107 0.04 8.22 25.59
N PRO B 108 -0.99 7.88 26.38
CA PRO B 108 -1.21 8.60 27.65
C PRO B 108 -0.15 8.33 28.71
N VAL B 109 0.61 7.25 28.53
N VAL B 109 0.59 7.23 28.58
CA VAL B 109 1.66 6.82 29.42
CA VAL B 109 1.75 6.99 29.40
C VAL B 109 2.86 6.40 28.57
C VAL B 109 2.89 6.52 28.54
N ALA B 110 4.07 6.49 29.14
CA ALA B 110 5.28 6.06 28.48
C ALA B 110 5.12 4.60 28.07
N SER B 111 5.42 4.29 26.80
CA SER B 111 4.99 3.03 26.19
C SER B 111 6.05 2.47 25.27
N GLU B 112 5.90 1.21 24.95
CA GLU B 112 6.70 0.57 23.95
C GLU B 112 5.85 -0.42 23.19
N PHE B 113 5.98 -0.44 21.88
CA PHE B 113 5.25 -1.42 21.12
C PHE B 113 6.02 -1.87 19.89
N TYR B 114 5.80 -3.12 19.51
CA TYR B 114 6.38 -3.75 18.32
C TYR B 114 5.27 -3.86 17.32
N MSE B 115 5.57 -3.51 16.08
N MSE B 115 5.56 -3.51 16.08
CA MSE B 115 4.57 -3.56 15.04
CA MSE B 115 4.55 -3.60 15.05
C MSE B 115 5.16 -3.95 13.70
C MSE B 115 5.11 -3.89 13.67
O MSE B 115 6.33 -3.62 13.40
O MSE B 115 6.20 -3.41 13.30
CB MSE B 115 3.81 -2.22 14.97
CB MSE B 115 3.68 -2.32 15.04
CG MSE B 115 2.66 -2.18 14.02
CG MSE B 115 2.63 -2.22 13.96
SE MSE B 115 1.45 -0.68 14.38
SE MSE B 115 1.31 -0.92 14.52
CE MSE B 115 0.03 -1.37 13.22
CE MSE B 115 1.30 0.21 13.00
N SER B 116 4.37 -4.77 12.98
CA SER B 116 4.61 -5.11 11.59
C SER B 116 3.50 -4.52 10.72
N PHE B 117 3.90 -4.05 9.55
CA PHE B 117 3.06 -3.31 8.62
C PHE B 117 3.17 -3.97 7.27
N LEU B 118 2.06 -4.32 6.66
CA LEU B 118 2.08 -4.70 5.25
C LEU B 118 1.75 -3.48 4.41
N GLY B 119 2.73 -2.97 3.69
CA GLY B 119 2.54 -1.81 2.85
C GLY B 119 2.77 -0.53 3.65
N PRO B 120 2.59 0.59 2.98
CA PRO B 120 2.81 1.91 3.55
C PRO B 120 1.71 2.40 4.43
N LEU B 121 2.04 3.47 5.16
CA LEU B 121 1.09 4.35 5.80
C LEU B 121 0.95 5.60 4.95
N THR B 122 -0.28 6.04 4.70
CA THR B 122 -0.52 7.29 4.00
C THR B 122 -0.80 8.32 5.10
N PHE B 123 0.10 9.27 5.27
CA PHE B 123 -0.14 10.36 6.20
C PHE B 123 -0.99 11.37 5.48
N VAL B 124 -2.05 11.84 6.15
CA VAL B 124 -3.08 12.65 5.48
C VAL B 124 -3.32 14.00 6.15
N LYS B 125 -3.82 14.95 5.37
CA LYS B 125 -4.32 16.21 5.86
C LYS B 125 -5.71 15.97 6.44
N PRO B 126 -6.24 16.94 7.21
CA PRO B 126 -7.56 16.75 7.79
C PRO B 126 -8.65 16.43 6.76
N ASP B 127 -8.55 16.97 5.54
CA ASP B 127 -9.51 16.61 4.48
C ASP B 127 -9.27 15.23 3.83
N GLY B 128 -8.24 14.52 4.27
CA GLY B 128 -7.97 13.19 3.76
C GLY B 128 -6.99 13.17 2.60
N SER B 129 -6.53 14.34 2.16
CA SER B 129 -5.56 14.44 1.09
C SER B 129 -4.27 13.81 1.53
N PRO B 130 -3.60 13.10 0.63
CA PRO B 130 -2.29 12.55 1.03
C PRO B 130 -1.17 13.59 1.11
N ILE B 131 -0.41 13.52 2.20
CA ILE B 131 0.80 14.28 2.39
C ILE B 131 1.96 13.47 1.90
N ALA B 132 2.07 12.24 2.39
CA ALA B 132 3.20 11.37 2.10
C ALA B 132 2.76 9.96 2.28
N VAL B 133 3.25 9.09 1.39
CA VAL B 133 3.03 7.66 1.50
C VAL B 133 4.35 7.04 1.94
N ILE B 134 4.35 6.50 3.14
CA ILE B 134 5.56 6.07 3.81
C ILE B 134 5.53 4.54 3.99
N GLY B 135 6.40 3.89 3.23
CA GLY B 135 6.46 2.45 3.16
C GLY B 135 7.84 1.90 3.51
N TRP B 136 8.08 0.67 3.14
CA TRP B 136 9.30 -0.02 3.56
C TRP B 136 10.58 0.74 3.24
N GLU B 137 10.65 1.32 2.06
CA GLU B 137 11.88 1.93 1.63
C GLU B 137 12.04 3.28 2.31
N ASP B 138 10.94 3.91 2.66
CA ASP B 138 10.99 5.15 3.41
C ASP B 138 11.48 4.88 4.84
N ALA B 139 10.97 3.82 5.45
CA ALA B 139 11.43 3.35 6.75
C ALA B 139 12.90 3.03 6.74
N GLN B 140 13.34 2.27 5.75
CA GLN B 140 14.75 1.95 5.64
C GLN B 140 15.55 3.21 5.54
N GLY B 141 15.12 4.15 4.72
CA GLY B 141 15.81 5.40 4.45
C GLY B 141 15.94 6.25 5.69
N ALA B 142 14.92 6.24 6.54
CA ALA B 142 14.92 7.07 7.75
C ALA B 142 15.80 6.43 8.80
N TRP B 143 15.98 5.11 8.75
CA TRP B 143 16.77 4.36 9.71
C TRP B 143 18.27 4.42 9.39
N ALA B 144 18.60 4.37 8.10
CA ALA B 144 19.94 4.04 7.62
C ALA B 144 20.97 5.12 7.86
N ALA B 145 20.51 6.37 7.88
CA ALA B 145 21.42 7.48 7.77
C ALA B 145 20.65 8.77 7.95
ZN ZN C . 1.14 0.92 -13.07
CL CL D . -8.59 1.55 -0.85
C ACT E . 10.32 9.76 -14.17
O ACT E . 10.27 10.83 -13.54
OXT ACT E . 9.89 8.76 -13.53
CH3 ACT E . 10.83 9.69 -15.59
C ACT F . -10.53 3.91 -9.15
O ACT F . -10.59 5.10 -9.54
OXT ACT F . -11.02 3.74 -8.01
CH3 ACT F . -9.95 2.75 -9.93
C ACT G . -0.08 0.10 -14.98
C ACT G . -0.45 0.19 -15.11
O ACT G . 0.43 1.23 -15.14
O ACT G . -0.04 1.08 -15.88
OXT ACT G . 0.11 -0.35 -13.83
OXT ACT G . 0.39 -0.70 -14.84
CH3 ACT G . -0.84 -0.70 -16.01
CH3 ACT G . -1.84 0.22 -14.54
O1 PG4 H . -14.70 -9.18 -4.98
C1 PG4 H . -15.49 -8.01 -5.25
C2 PG4 H . -15.34 -7.62 -6.72
O2 PG4 H . -16.39 -6.79 -7.24
C3 PG4 H . -16.49 -6.96 -8.66
C4 PG4 H . -17.49 -8.05 -9.02
O3 PG4 H . -17.80 -8.04 -10.42
C5 PG4 H . -19.18 -8.27 -10.70
C6 PG4 H . -19.75 -7.11 -11.53
O4 PG4 H . -21.16 -6.90 -11.33
C7 PG4 H . -21.62 -5.80 -10.52
C8 PG4 H . -21.04 -4.41 -10.87
O5 PG4 H . -22.03 -3.38 -10.90
O1 PG4 I . 5.41 5.02 -25.85
C1 PG4 I . 5.97 6.28 -25.53
C2 PG4 I . 5.47 7.58 -26.16
O2 PG4 I . 5.22 8.40 -25.01
C3 PG4 I . 4.72 9.68 -25.35
C4 PG4 I . 3.24 9.65 -25.04
O1 PG4 J . -17.72 -24.34 -2.72
O1 PG4 J . -16.58 -23.32 -0.89
C1 PG4 J . -18.33 -23.94 -1.47
C1 PG4 J . -16.87 -22.89 0.43
C2 PG4 J . -18.07 -22.47 -1.19
C2 PG4 J . -18.21 -22.18 0.40
O2 PG4 J . -16.92 -22.34 -0.33
O2 PG4 J . -18.40 -21.53 1.67
C3 PG4 J . -16.92 -21.15 0.48
C3 PG4 J . -19.07 -20.28 1.61
C4 PG4 J . -16.79 -21.57 1.91
C4 PG4 J . -20.02 -20.17 2.78
O3 PG4 J . -16.28 -20.60 2.82
O3 PG4 J . -20.04 -18.83 3.27
C5 PG4 J . -17.25 -19.87 3.58
C5 PG4 J . -20.42 -18.71 4.65
C6 PG4 J . -17.17 -19.27 4.87
C6 PG4 J . -19.18 -18.44 5.49
ZN ZN K . -1.55 3.40 12.52
ZN ZN L . 7.65 5.21 -0.52
C ACT M . -0.19 3.32 14.45
C ACT M . -0.75 3.00 14.87
O ACT M . -0.86 4.38 14.41
O ACT M . -1.77 3.62 15.18
OXT ACT M . -0.39 2.58 13.45
OXT ACT M . -0.98 1.87 14.37
CH3 ACT M . 0.78 2.94 15.56
CH3 ACT M . 0.62 3.60 15.02
C ACT N . 11.82 -4.14 25.01
O ACT N . 12.35 -2.98 25.02
OXT ACT N . 10.86 -4.30 25.80
CH3 ACT N . 12.32 -5.24 24.11
O1 PG4 O . 16.33 -23.46 5.06
C1 PG4 O . 17.30 -22.79 5.86
C2 PG4 O . 18.30 -22.00 5.01
O2 PG4 O . 17.76 -20.83 4.36
C3 PG4 O . 18.39 -20.27 3.21
C4 PG4 O . 17.56 -19.09 2.72
#